data_6RJ6
#
_entry.id   6RJ6
#
_cell.length_a   43.137
_cell.length_b   111.959
_cell.length_c   62.505
_cell.angle_alpha   90.000
_cell.angle_beta   90.990
_cell.angle_gamma   90.000
#
_symmetry.space_group_name_H-M   'P 1 21 1'
#
loop_
_entity.id
_entity.type
_entity.pdbx_description
1 polymer 'D-3-phosphoglycerate dehydrogenase'
2 non-polymer '2-[4-[(1~{S})-1-[[4,5-bis(chloranyl)-1,6-dimethyl-indol-2-yl]carbonylamino]-2-oxidanyl-ethyl]phenyl]sulfonylethanoic acid'
3 water water
#
_entity_poly.entity_id   1
_entity_poly.type   'polypeptide(L)'
_entity_poly.pdbx_seq_one_letter_code
;SMANLRKVLISDSLDPCCRKILQDGGLQVVEKQNLSKEELIAELQDCEGLIVRSATKVTADVINAAEKLQVVGRAGTGVD
NVDLEAATRKGILVMNTPNGNSLSAAELTCGMIMCLARQIPQATASMKDGKWERKKFMGTELNGKTLGILGLGRIGREVA
TRMQSFGMKTIGYDPIISPEVSASFGVQQLPLEEIWPLCDFITVHTPLLPSTTGLLNDNTFAQCKKGVRVVNCARGGIVD
EGALLRALQSGQCAGAALDVFTEEPPRDRALVDHENVISCPHLGASTKEAQSRCGEEIAVQFVDMVKGKSLTGV
;
_entity_poly.pdbx_strand_id   A,B
#
# COMPACT_ATOMS: atom_id res chain seq x y z
N ASN A 99 -3.36 21.95 -1.19
CA ASN A 99 -2.54 22.16 0.00
C ASN A 99 -3.18 21.59 1.28
N GLY A 100 -4.48 21.80 1.44
CA GLY A 100 -5.24 21.35 2.61
C GLY A 100 -5.43 19.84 2.67
N SER A 102 -4.11 17.20 0.47
CA SER A 102 -3.08 16.82 -0.50
C SER A 102 -2.35 15.52 -0.12
N LEU A 103 -1.81 15.46 1.11
CA LEU A 103 -1.09 14.31 1.67
C LEU A 103 -1.97 13.07 1.75
N SER A 104 -3.29 13.26 1.99
CA SER A 104 -4.27 12.16 2.04
C SER A 104 -4.53 11.61 0.64
N ALA A 105 -4.61 12.47 -0.40
CA ALA A 105 -4.80 11.98 -1.77
C ALA A 105 -3.54 11.25 -2.25
N ALA A 106 -2.36 11.75 -1.83
CA ALA A 106 -1.04 11.22 -2.16
C ALA A 106 -0.80 9.87 -1.51
N GLU A 107 -1.23 9.69 -0.24
CA GLU A 107 -1.11 8.44 0.51
C GLU A 107 -2.02 7.35 -0.09
N LEU A 108 -3.27 7.72 -0.47
CA LEU A 108 -4.22 6.78 -1.10
C LEU A 108 -3.67 6.28 -2.44
N THR A 109 -3.11 7.20 -3.27
CA THR A 109 -2.50 6.92 -4.58
C THR A 109 -1.36 5.90 -4.43
N CYS A 110 -0.50 6.10 -3.41
CA CYS A 110 0.63 5.25 -3.09
C CYS A 110 0.12 3.87 -2.64
N GLY A 111 -0.94 3.87 -1.84
CA GLY A 111 -1.60 2.66 -1.36
C GLY A 111 -2.28 1.91 -2.49
N MET A 112 -2.73 2.63 -3.53
CA MET A 112 -3.37 2.04 -4.71
C MET A 112 -2.32 1.34 -5.58
N ILE A 113 -1.09 1.93 -5.66
CA ILE A 113 0.08 1.41 -6.40
C ILE A 113 0.49 0.04 -5.80
N MET A 114 0.58 -0.04 -4.46
CA MET A 114 0.94 -1.24 -3.71
C MET A 114 -0.13 -2.34 -3.88
N CYS A 115 -1.39 -1.92 -4.07
CA CYS A 115 -2.52 -2.82 -4.30
C CYS A 115 -2.51 -3.38 -5.72
N LEU A 116 -1.98 -2.63 -6.70
CA LEU A 116 -1.89 -3.10 -8.10
C LEU A 116 -0.79 -4.14 -8.26
N ALA A 117 0.33 -3.94 -7.53
CA ALA A 117 1.50 -4.81 -7.52
C ALA A 117 1.24 -6.17 -6.87
N ARG A 118 0.46 -6.20 -5.76
CA ARG A 118 0.21 -7.45 -5.02
C ARG A 118 -1.25 -7.91 -4.97
N GLN A 119 -2.20 -7.10 -5.49
CA GLN A 119 -3.64 -7.39 -5.52
C GLN A 119 -4.17 -7.75 -4.12
N ILE A 120 -3.87 -6.87 -3.14
CA ILE A 120 -4.27 -7.00 -1.73
C ILE A 120 -5.82 -7.02 -1.60
N PRO A 121 -6.62 -6.14 -2.28
CA PRO A 121 -8.09 -6.23 -2.16
C PRO A 121 -8.65 -7.55 -2.69
N GLN A 122 -8.15 -8.03 -3.83
CA GLN A 122 -8.55 -9.30 -4.46
C GLN A 122 -8.18 -10.49 -3.56
N ALA A 123 -6.99 -10.44 -2.94
CA ALA A 123 -6.50 -11.48 -2.03
C ALA A 123 -7.35 -11.53 -0.76
N THR A 124 -7.77 -10.33 -0.24
CA THR A 124 -8.66 -10.21 0.93
C THR A 124 -10.05 -10.79 0.60
N ALA A 125 -10.64 -10.43 -0.56
CA ALA A 125 -11.95 -10.93 -1.00
C ALA A 125 -11.93 -12.46 -1.19
N SER A 126 -10.79 -13.01 -1.69
CA SER A 126 -10.55 -14.45 -1.89
C SER A 126 -10.57 -15.19 -0.54
N MET A 127 -9.90 -14.60 0.48
CA MET A 127 -9.80 -15.14 1.84
C MET A 127 -11.15 -15.21 2.53
N LYS A 128 -11.97 -14.12 2.42
CA LYS A 128 -13.33 -14.00 2.95
C LYS A 128 -14.27 -15.06 2.35
N ASP A 129 -13.93 -15.59 1.16
CA ASP A 129 -14.65 -16.64 0.43
C ASP A 129 -14.16 -18.05 0.81
N GLY A 130 -13.23 -18.12 1.77
CA GLY A 130 -12.68 -19.37 2.26
C GLY A 130 -11.61 -19.99 1.39
N LYS A 131 -11.16 -19.27 0.35
CA LYS A 131 -10.13 -19.74 -0.58
C LYS A 131 -8.73 -19.45 -0.04
N TRP A 132 -7.71 -20.13 -0.58
CA TRP A 132 -6.29 -19.99 -0.27
C TRP A 132 -5.56 -20.15 -1.60
N GLU A 133 -5.55 -19.06 -2.40
CA GLU A 133 -4.98 -19.02 -3.75
C GLU A 133 -3.62 -18.33 -3.81
N ARG A 134 -2.54 -19.10 -3.65
CA ARG A 134 -1.17 -18.60 -3.68
C ARG A 134 -0.73 -18.27 -5.11
N LYS A 135 -1.00 -19.19 -6.06
CA LYS A 135 -0.63 -19.07 -7.47
C LYS A 135 -1.29 -17.90 -8.19
N LYS A 136 -2.60 -17.71 -7.94
CA LYS A 136 -3.44 -16.66 -8.52
C LYS A 136 -2.95 -15.23 -8.22
N PHE A 137 -2.44 -14.99 -7.00
CA PHE A 137 -2.02 -13.64 -6.61
C PHE A 137 -0.50 -13.44 -6.53
N MET A 138 0.26 -14.15 -7.38
CA MET A 138 1.70 -14.00 -7.55
C MET A 138 1.86 -12.61 -8.19
N GLY A 139 2.54 -11.70 -7.50
CA GLY A 139 2.69 -10.33 -7.93
C GLY A 139 4.03 -9.91 -8.49
N THR A 140 4.33 -8.61 -8.37
CA THR A 140 5.57 -7.99 -8.86
C THR A 140 6.15 -7.02 -7.85
N GLU A 141 7.49 -6.93 -7.81
CA GLU A 141 8.19 -6.00 -6.92
C GLU A 141 8.12 -4.59 -7.45
N LEU A 142 8.16 -3.59 -6.55
CA LEU A 142 8.13 -2.19 -6.94
C LEU A 142 9.54 -1.64 -7.17
N ASN A 143 10.57 -2.25 -6.53
CA ASN A 143 11.97 -1.85 -6.66
C ASN A 143 12.44 -2.01 -8.11
N GLY A 144 12.99 -0.94 -8.66
CA GLY A 144 13.49 -0.89 -10.04
C GLY A 144 12.44 -0.71 -11.11
N LYS A 145 11.17 -0.44 -10.72
CA LYS A 145 10.08 -0.23 -11.69
C LYS A 145 9.86 1.25 -11.97
N THR A 146 9.44 1.58 -13.19
CA THR A 146 9.21 2.96 -13.61
C THR A 146 7.75 3.40 -13.42
N LEU A 147 7.58 4.46 -12.62
CA LEU A 147 6.30 5.09 -12.36
C LEU A 147 6.27 6.43 -13.12
N GLY A 148 5.24 6.61 -13.93
CA GLY A 148 4.98 7.83 -14.70
C GLY A 148 3.96 8.68 -13.98
N ILE A 149 4.31 9.95 -13.74
CA ILE A 149 3.44 10.89 -13.01
C ILE A 149 3.06 12.08 -13.89
N LEU A 150 1.84 12.02 -14.45
CA LEU A 150 1.27 13.07 -15.31
C LEU A 150 0.51 14.04 -14.41
N GLY A 151 1.09 15.21 -14.21
CA GLY A 151 0.60 16.24 -13.31
C GLY A 151 1.54 16.30 -12.12
N LEU A 152 2.36 17.35 -12.06
CA LEU A 152 3.38 17.44 -11.01
C LEU A 152 3.13 18.59 -10.04
N GLY A 153 1.90 18.69 -9.56
CA GLY A 153 1.49 19.68 -8.59
C GLY A 153 1.87 19.23 -7.18
N ARG A 154 1.08 19.67 -6.19
CA ARG A 154 1.26 19.34 -4.77
C ARG A 154 1.12 17.82 -4.52
N ILE A 155 0.08 17.18 -5.09
CA ILE A 155 -0.18 15.74 -4.95
C ILE A 155 0.95 14.93 -5.63
N GLY A 156 1.21 15.24 -6.90
CA GLY A 156 2.22 14.57 -7.73
C GLY A 156 3.62 14.48 -7.16
N ARG A 157 4.10 15.55 -6.47
CA ARG A 157 5.45 15.57 -5.90
C ARG A 157 5.54 14.71 -4.63
N GLU A 158 4.46 14.66 -3.83
CA GLU A 158 4.38 13.86 -2.60
C GLU A 158 4.35 12.38 -2.93
N VAL A 159 3.63 12.00 -4.02
CA VAL A 159 3.55 10.62 -4.51
C VAL A 159 4.95 10.22 -4.94
N ALA A 160 5.62 11.09 -5.72
CA ALA A 160 6.98 10.90 -6.24
C ALA A 160 7.99 10.58 -5.16
N THR A 161 8.04 11.41 -4.09
CA THR A 161 8.98 11.23 -2.98
C THR A 161 8.71 9.93 -2.21
N ARG A 162 7.42 9.59 -2.01
CA ARG A 162 6.99 8.36 -1.34
C ARG A 162 7.35 7.13 -2.15
N MET A 163 7.11 7.17 -3.47
CA MET A 163 7.42 6.01 -4.31
C MET A 163 8.92 5.84 -4.61
N GLN A 164 9.73 6.91 -4.44
CA GLN A 164 11.19 6.90 -4.59
C GLN A 164 11.84 6.05 -3.49
N SER A 165 11.29 6.10 -2.25
CA SER A 165 11.78 5.32 -1.11
C SER A 165 11.60 3.80 -1.32
N PHE A 166 10.75 3.42 -2.30
CA PHE A 166 10.46 2.03 -2.71
C PHE A 166 11.41 1.56 -3.83
N GLY A 167 12.31 2.45 -4.27
CA GLY A 167 13.27 2.19 -5.33
C GLY A 167 12.70 2.35 -6.73
N MET A 168 11.48 2.91 -6.84
CA MET A 168 10.82 3.15 -8.12
C MET A 168 11.45 4.33 -8.85
N LYS A 169 11.56 4.23 -10.19
CA LYS A 169 12.06 5.33 -11.03
C LYS A 169 10.87 6.28 -11.23
N THR A 170 11.07 7.56 -10.86
CA THR A 170 10.02 8.57 -10.98
C THR A 170 10.29 9.52 -12.14
N ILE A 171 9.44 9.42 -13.17
CA ILE A 171 9.48 10.25 -14.38
C ILE A 171 8.07 10.84 -14.58
N GLY A 172 7.96 11.87 -15.41
CA GLY A 172 6.66 12.47 -15.66
C GLY A 172 6.63 13.68 -16.55
N TYR A 173 5.49 14.38 -16.54
CA TYR A 173 5.23 15.55 -17.36
C TYR A 173 4.32 16.53 -16.65
N ASP A 174 4.52 17.81 -16.94
CA ASP A 174 3.73 18.95 -16.50
C ASP A 174 4.08 20.14 -17.40
N PRO A 175 3.11 20.82 -18.05
CA PRO A 175 3.45 21.96 -18.91
C PRO A 175 3.91 23.20 -18.13
N ILE A 176 3.43 23.35 -16.87
CA ILE A 176 3.77 24.49 -15.99
C ILE A 176 5.13 24.25 -15.31
N ILE A 177 5.25 23.15 -14.53
CA ILE A 177 6.45 22.78 -13.77
C ILE A 177 7.66 22.67 -14.69
N SER A 178 8.70 23.44 -14.38
CA SER A 178 9.96 23.49 -15.13
C SER A 178 10.78 22.21 -14.88
N PRO A 179 11.75 21.83 -15.77
CA PRO A 179 12.54 20.61 -15.50
C PRO A 179 13.37 20.73 -14.23
N GLU A 180 13.78 21.96 -13.86
CA GLU A 180 14.56 22.29 -12.68
C GLU A 180 13.78 22.04 -11.38
N VAL A 181 12.49 22.45 -11.33
CA VAL A 181 11.62 22.27 -10.16
C VAL A 181 11.37 20.76 -9.94
N SER A 182 11.06 20.01 -11.03
CA SER A 182 10.83 18.56 -10.99
C SER A 182 12.10 17.77 -10.60
N ALA A 183 13.29 18.27 -11.01
CA ALA A 183 14.59 17.68 -10.69
C ALA A 183 14.93 17.78 -9.20
N SER A 184 14.41 18.82 -8.50
CA SER A 184 14.64 19.01 -7.06
C SER A 184 13.99 17.91 -6.22
N PHE A 185 12.84 17.37 -6.68
CA PHE A 185 12.15 16.28 -5.99
C PHE A 185 12.32 14.91 -6.72
N GLY A 186 13.33 14.84 -7.59
CA GLY A 186 13.72 13.62 -8.31
C GLY A 186 12.82 13.10 -9.39
N VAL A 187 12.13 14.00 -10.14
CA VAL A 187 11.27 13.62 -11.26
C VAL A 187 11.86 14.13 -12.57
N GLN A 188 12.23 13.20 -13.46
CA GLN A 188 12.81 13.54 -14.75
C GLN A 188 11.68 13.82 -15.75
N GLN A 189 11.58 15.07 -16.22
CA GLN A 189 10.56 15.50 -17.16
C GLN A 189 10.93 15.18 -18.59
N LEU A 190 10.02 14.51 -19.28
CA LEU A 190 10.18 14.09 -20.68
C LEU A 190 8.87 14.43 -21.43
N PRO A 191 8.85 14.53 -22.80
CA PRO A 191 7.58 14.78 -23.49
C PRO A 191 6.68 13.55 -23.39
N LEU A 192 5.35 13.75 -23.25
CA LEU A 192 4.31 12.71 -23.09
C LEU A 192 4.54 11.42 -23.90
N GLU A 193 4.90 11.54 -25.19
CA GLU A 193 5.16 10.41 -26.11
C GLU A 193 6.37 9.52 -25.71
N GLU A 194 7.32 10.08 -24.95
CA GLU A 194 8.51 9.36 -24.49
C GLU A 194 8.27 8.65 -23.15
N ILE A 195 7.19 9.04 -22.42
CA ILE A 195 6.81 8.51 -21.13
C ILE A 195 6.10 7.14 -21.24
N TRP A 196 5.06 7.05 -22.10
CA TRP A 196 4.24 5.84 -22.27
C TRP A 196 5.03 4.51 -22.40
N PRO A 197 6.01 4.29 -23.33
CA PRO A 197 6.67 2.98 -23.41
C PRO A 197 7.58 2.58 -22.25
N LEU A 198 8.12 3.55 -21.49
CA LEU A 198 9.04 3.28 -20.39
C LEU A 198 8.35 2.90 -19.06
N CYS A 199 7.06 3.24 -18.93
CA CYS A 199 6.29 3.05 -17.70
C CYS A 199 5.82 1.63 -17.44
N ASP A 200 5.87 1.28 -16.16
CA ASP A 200 5.36 0.03 -15.60
C ASP A 200 4.08 0.41 -14.86
N PHE A 201 4.11 1.59 -14.19
CA PHE A 201 2.99 2.17 -13.45
C PHE A 201 2.75 3.60 -13.93
N ILE A 202 1.47 4.01 -14.05
CA ILE A 202 1.11 5.38 -14.45
C ILE A 202 0.07 5.93 -13.48
N THR A 203 0.30 7.13 -12.96
CA THR A 203 -0.61 7.82 -12.06
C THR A 203 -0.90 9.24 -12.61
N VAL A 204 -2.17 9.69 -12.49
CA VAL A 204 -2.60 11.01 -12.98
C VAL A 204 -2.96 11.95 -11.83
N HIS A 205 -2.36 13.17 -11.83
CA HIS A 205 -2.56 14.21 -10.80
C HIS A 205 -2.67 15.62 -11.40
N THR A 206 -3.58 15.79 -12.36
CA THR A 206 -3.85 17.07 -13.03
C THR A 206 -5.26 17.54 -12.62
N PRO A 207 -5.65 18.83 -12.75
CA PRO A 207 -7.06 19.17 -12.48
C PRO A 207 -7.93 18.69 -13.64
N LEU A 208 -9.27 18.62 -13.44
CA LEU A 208 -10.15 18.24 -14.53
C LEU A 208 -10.31 19.46 -15.45
N LEU A 209 -9.92 19.29 -16.71
CA LEU A 209 -9.97 20.30 -17.77
C LEU A 209 -10.26 19.60 -19.09
N PRO A 210 -10.85 20.28 -20.12
CA PRO A 210 -11.09 19.60 -21.41
C PRO A 210 -9.83 19.01 -22.05
N SER A 211 -8.67 19.65 -21.84
CA SER A 211 -7.36 19.24 -22.36
C SER A 211 -6.83 17.98 -21.65
N THR A 212 -7.22 17.78 -20.37
CA THR A 212 -6.82 16.65 -19.53
C THR A 212 -7.85 15.51 -19.57
N THR A 213 -9.01 15.76 -20.21
CA THR A 213 -10.08 14.78 -20.38
C THR A 213 -9.66 13.79 -21.48
N GLY A 214 -9.59 12.52 -21.11
CA GLY A 214 -9.22 11.45 -22.04
C GLY A 214 -7.73 11.37 -22.31
N LEU A 215 -6.91 11.90 -21.36
CA LEU A 215 -5.45 11.92 -21.39
C LEU A 215 -4.90 10.50 -21.65
N LEU A 216 -5.55 9.48 -21.03
CA LEU A 216 -5.25 8.08 -21.26
C LEU A 216 -6.37 7.50 -22.14
N ASN A 217 -6.12 7.47 -23.45
CA ASN A 217 -7.04 6.99 -24.48
C ASN A 217 -6.46 5.80 -25.22
N ASP A 218 -7.19 5.25 -26.22
CA ASP A 218 -6.77 4.11 -27.04
C ASP A 218 -5.40 4.32 -27.68
N ASN A 219 -5.14 5.51 -28.26
CA ASN A 219 -3.87 5.86 -28.89
C ASN A 219 -2.73 5.91 -27.85
N THR A 220 -3.02 6.47 -26.65
CA THR A 220 -2.10 6.58 -25.52
C THR A 220 -1.76 5.20 -24.95
N PHE A 221 -2.80 4.36 -24.70
CA PHE A 221 -2.67 3.00 -24.17
C PHE A 221 -1.88 2.10 -25.11
N ALA A 222 -2.02 2.29 -26.44
CA ALA A 222 -1.29 1.54 -27.48
C ALA A 222 0.21 1.83 -27.41
N GLN A 223 0.59 3.08 -27.04
CA GLN A 223 1.97 3.54 -26.88
C GLN A 223 2.59 3.03 -25.56
N CYS A 224 1.74 2.62 -24.59
CA CYS A 224 2.17 2.09 -23.30
C CYS A 224 2.78 0.69 -23.45
N LYS A 225 3.55 0.27 -22.42
CA LYS A 225 4.17 -1.05 -22.34
C LYS A 225 3.05 -2.07 -22.03
N LYS A 226 3.18 -3.31 -22.55
CA LYS A 226 2.19 -4.37 -22.33
C LYS A 226 2.22 -4.85 -20.89
N GLY A 227 1.08 -4.70 -20.19
CA GLY A 227 0.93 -5.07 -18.80
C GLY A 227 1.08 -3.91 -17.84
N VAL A 228 0.79 -2.69 -18.32
CA VAL A 228 0.87 -1.45 -17.53
C VAL A 228 -0.26 -1.36 -16.49
N ARG A 229 0.03 -0.73 -15.33
CA ARG A 229 -0.89 -0.52 -14.21
C ARG A 229 -1.19 0.98 -14.10
N VAL A 230 -2.49 1.36 -14.05
CA VAL A 230 -2.94 2.75 -14.07
C VAL A 230 -3.70 3.17 -12.80
N VAL A 231 -3.34 4.35 -12.23
CA VAL A 231 -3.96 4.93 -11.03
C VAL A 231 -4.64 6.26 -11.36
N ASN A 232 -5.87 6.44 -10.85
CA ASN A 232 -6.61 7.68 -10.98
C ASN A 232 -7.32 7.99 -9.67
N CYS A 233 -6.66 8.79 -8.83
CA CYS A 233 -7.15 9.29 -7.54
C CYS A 233 -7.25 10.82 -7.63
N ALA A 234 -7.36 11.33 -8.87
CA ALA A 234 -7.48 12.76 -9.15
C ALA A 234 -8.94 13.13 -9.48
N ARG A 235 -9.34 13.06 -10.75
CA ARG A 235 -10.70 13.36 -11.21
C ARG A 235 -11.15 12.37 -12.29
N GLY A 236 -12.44 12.06 -12.29
CA GLY A 236 -13.04 11.17 -13.28
C GLY A 236 -13.07 11.82 -14.66
N GLY A 237 -12.61 11.07 -15.66
CA GLY A 237 -12.54 11.55 -17.02
C GLY A 237 -11.14 11.73 -17.55
N ILE A 238 -10.13 11.80 -16.64
CA ILE A 238 -8.71 11.95 -17.03
C ILE A 238 -8.24 10.69 -17.78
N VAL A 239 -8.65 9.51 -17.28
CA VAL A 239 -8.39 8.24 -17.94
C VAL A 239 -9.73 7.88 -18.58
N ASP A 240 -9.75 7.76 -19.92
CA ASP A 240 -10.95 7.41 -20.68
C ASP A 240 -11.34 5.99 -20.27
N GLU A 241 -12.53 5.86 -19.62
CA GLU A 241 -13.10 4.63 -19.08
C GLU A 241 -13.36 3.56 -20.13
N GLY A 242 -13.77 4.00 -21.33
CA GLY A 242 -14.04 3.12 -22.46
C GLY A 242 -12.77 2.53 -23.04
N ALA A 243 -11.71 3.35 -23.14
CA ALA A 243 -10.39 2.96 -23.62
C ALA A 243 -9.70 2.08 -22.57
N LEU A 244 -9.90 2.38 -21.28
CA LEU A 244 -9.33 1.62 -20.16
C LEU A 244 -9.87 0.18 -20.11
N LEU A 245 -11.20 -0.01 -20.18
CA LEU A 245 -11.81 -1.35 -20.18
C LEU A 245 -11.30 -2.21 -21.34
N ARG A 246 -11.16 -1.61 -22.55
CA ARG A 246 -10.64 -2.30 -23.74
C ARG A 246 -9.20 -2.80 -23.52
N ALA A 247 -8.33 -1.97 -22.92
CA ALA A 247 -6.93 -2.31 -22.63
C ALA A 247 -6.82 -3.42 -21.58
N LEU A 248 -7.73 -3.41 -20.59
CA LEU A 248 -7.83 -4.42 -19.54
C LEU A 248 -8.31 -5.74 -20.14
N GLN A 249 -9.20 -5.67 -21.16
CA GLN A 249 -9.76 -6.81 -21.88
C GLN A 249 -8.68 -7.49 -22.74
N SER A 250 -7.87 -6.69 -23.44
CA SER A 250 -6.79 -7.16 -24.32
C SER A 250 -5.52 -7.56 -23.57
N GLY A 251 -5.37 -7.07 -22.34
CA GLY A 251 -4.20 -7.34 -21.51
C GLY A 251 -3.12 -6.29 -21.68
N GLN A 252 -3.41 -5.21 -22.45
CA GLN A 252 -2.50 -4.07 -22.65
C GLN A 252 -2.27 -3.36 -21.30
N CYS A 253 -3.32 -3.33 -20.46
CA CYS A 253 -3.33 -2.81 -19.11
C CYS A 253 -3.59 -4.01 -18.20
N ALA A 254 -2.63 -4.33 -17.30
CA ALA A 254 -2.72 -5.47 -16.36
C ALA A 254 -3.63 -5.18 -15.16
N GLY A 255 -3.73 -3.91 -14.77
CA GLY A 255 -4.56 -3.49 -13.65
C GLY A 255 -4.85 -2.00 -13.59
N ALA A 256 -5.97 -1.65 -12.94
CA ALA A 256 -6.38 -0.26 -12.74
C ALA A 256 -6.93 0.00 -11.34
N ALA A 257 -6.47 1.07 -10.69
CA ALA A 257 -6.93 1.49 -9.37
C ALA A 257 -7.65 2.83 -9.54
N LEU A 258 -8.99 2.80 -9.39
CA LEU A 258 -9.85 3.97 -9.61
C LEU A 258 -10.64 4.42 -8.39
N ASP A 259 -10.33 5.64 -7.92
CA ASP A 259 -11.00 6.29 -6.81
C ASP A 259 -12.09 7.23 -7.36
N VAL A 260 -11.84 7.79 -8.54
CA VAL A 260 -12.71 8.78 -9.19
C VAL A 260 -13.30 8.28 -10.52
N PHE A 261 -14.52 8.74 -10.83
CA PHE A 261 -15.26 8.36 -12.03
C PHE A 261 -16.00 9.57 -12.65
N THR A 262 -16.40 9.46 -13.94
CA THR A 262 -17.15 10.48 -14.70
C THR A 262 -18.50 10.77 -14.04
N GLU A 263 -19.14 9.72 -13.51
CA GLU A 263 -20.39 9.79 -12.77
C GLU A 263 -20.22 9.12 -11.40
N GLU A 264 -20.66 9.79 -10.34
CA GLU A 264 -20.54 9.30 -8.96
C GLU A 264 -21.93 9.32 -8.28
N PRO A 265 -22.57 8.15 -7.99
CA PRO A 265 -22.11 6.77 -8.21
C PRO A 265 -22.22 6.33 -9.68
N PRO A 266 -21.27 5.52 -10.21
CA PRO A 266 -21.35 5.11 -11.61
C PRO A 266 -22.37 4.02 -11.89
N ARG A 267 -23.13 4.16 -13.00
CA ARG A 267 -24.15 3.20 -13.44
C ARG A 267 -23.50 2.04 -14.20
N ASP A 268 -22.51 2.37 -15.07
CA ASP A 268 -21.74 1.42 -15.88
C ASP A 268 -20.76 0.75 -14.92
N ARG A 269 -21.08 -0.51 -14.54
CA ARG A 269 -20.33 -1.30 -13.58
C ARG A 269 -19.21 -2.17 -14.16
N ALA A 270 -19.05 -2.18 -15.50
CA ALA A 270 -18.02 -2.96 -16.22
C ALA A 270 -16.61 -2.81 -15.65
N LEU A 271 -16.19 -1.58 -15.30
CA LEU A 271 -14.87 -1.31 -14.74
C LEU A 271 -14.72 -1.85 -13.33
N VAL A 272 -15.58 -1.41 -12.39
CA VAL A 272 -15.56 -1.83 -10.99
C VAL A 272 -15.74 -3.37 -10.84
N ASP A 273 -16.56 -3.99 -11.72
CA ASP A 273 -16.78 -5.45 -11.71
C ASP A 273 -15.57 -6.25 -12.18
N HIS A 274 -14.69 -5.67 -13.05
CA HIS A 274 -13.50 -6.34 -13.58
C HIS A 274 -12.54 -6.72 -12.45
N GLU A 275 -12.10 -8.01 -12.43
CA GLU A 275 -11.22 -8.61 -11.40
C GLU A 275 -9.89 -7.89 -11.21
N ASN A 276 -9.37 -7.27 -12.30
CA ASN A 276 -8.11 -6.54 -12.31
C ASN A 276 -8.25 -5.06 -11.91
N VAL A 277 -9.45 -4.65 -11.44
CA VAL A 277 -9.71 -3.26 -11.06
C VAL A 277 -9.94 -3.10 -9.53
N ILE A 278 -9.15 -2.17 -8.91
CA ILE A 278 -9.19 -1.75 -7.50
C ILE A 278 -10.09 -0.50 -7.48
N SER A 279 -11.03 -0.41 -6.54
CA SER A 279 -11.93 0.75 -6.48
C SER A 279 -12.18 1.31 -5.10
N CYS A 280 -12.49 2.62 -5.05
CA CYS A 280 -12.83 3.36 -3.84
C CYS A 280 -13.93 4.39 -4.16
N PRO A 281 -14.93 4.60 -3.27
CA PRO A 281 -15.97 5.61 -3.57
C PRO A 281 -15.50 7.02 -3.23
N HIS A 282 -14.52 7.55 -4.01
CA HIS A 282 -13.91 8.88 -3.85
C HIS A 282 -13.45 9.12 -2.41
N LEU A 283 -12.38 8.42 -2.00
CA LEU A 283 -11.80 8.46 -0.66
C LEU A 283 -10.49 9.24 -0.54
N GLY A 284 -10.09 9.93 -1.61
CA GLY A 284 -8.85 10.72 -1.68
C GLY A 284 -8.67 11.69 -0.54
N ALA A 285 -9.68 12.52 -0.27
CA ALA A 285 -9.65 13.49 0.82
C ALA A 285 -10.25 12.97 2.14
N SER A 286 -10.97 11.82 2.08
CA SER A 286 -11.68 11.17 3.18
C SER A 286 -10.80 10.66 4.36
N THR A 287 -10.29 11.61 5.16
CA THR A 287 -9.50 11.39 6.38
C THR A 287 -9.88 12.46 7.38
N LYS A 288 -9.75 12.14 8.69
CA LYS A 288 -10.07 13.09 9.77
C LYS A 288 -9.08 14.25 9.79
N GLU A 289 -7.82 14.00 9.35
CA GLU A 289 -6.72 14.96 9.31
C GLU A 289 -6.80 15.96 8.14
N ALA A 290 -7.23 15.52 6.93
CA ALA A 290 -7.33 16.40 5.76
C ALA A 290 -8.56 17.30 5.81
N GLN A 291 -9.74 16.74 6.17
CA GLN A 291 -11.02 17.46 6.25
C GLN A 291 -10.98 18.55 7.32
N SER A 292 -10.20 18.33 8.40
CA SER A 292 -9.96 19.30 9.47
C SER A 292 -9.10 20.46 8.94
N ARG A 293 -8.06 20.13 8.13
CA ARG A 293 -7.16 21.10 7.51
C ARG A 293 -7.88 21.92 6.45
N CYS A 294 -8.76 21.26 5.65
CA CYS A 294 -9.57 21.90 4.60
C CYS A 294 -10.58 22.88 5.20
N GLY A 295 -11.16 22.49 6.35
CA GLY A 295 -12.10 23.31 7.10
C GLY A 295 -11.45 24.51 7.78
N GLU A 296 -10.17 24.37 8.17
CA GLU A 296 -9.40 25.43 8.84
C GLU A 296 -8.75 26.40 7.83
N GLU A 297 -8.18 25.86 6.72
CA GLU A 297 -7.51 26.65 5.67
C GLU A 297 -8.46 27.57 4.88
N ILE A 298 -9.78 27.28 4.91
CA ILE A 298 -10.80 28.09 4.24
C ILE A 298 -11.04 29.42 5.01
N ALA A 299 -10.58 29.49 6.27
CA ALA A 299 -10.69 30.66 7.15
C ALA A 299 -9.50 31.63 7.02
N VAL A 300 -8.28 31.11 6.77
CA VAL A 300 -7.07 31.92 6.61
C VAL A 300 -7.05 32.66 5.26
N GLN A 301 -7.67 32.05 4.22
CA GLN A 301 -7.78 32.65 2.88
C GLN A 301 -8.89 33.71 2.88
N PHE A 302 -9.88 33.55 3.80
CA PHE A 302 -11.03 34.44 3.99
C PHE A 302 -10.56 35.78 4.60
N VAL A 303 -9.72 35.71 5.66
CA VAL A 303 -9.19 36.89 6.35
C VAL A 303 -7.81 37.28 5.80
N THR B 97 17.92 -19.00 2.54
CA THR B 97 18.33 -17.66 2.13
C THR B 97 17.19 -16.63 2.39
N PRO B 98 17.25 -15.86 3.51
CA PRO B 98 16.16 -14.89 3.78
C PRO B 98 16.32 -13.56 3.05
N ASN B 99 17.55 -13.22 2.59
CA ASN B 99 17.89 -11.98 1.87
C ASN B 99 17.13 -11.77 0.56
N GLY B 100 16.90 -12.86 -0.17
CA GLY B 100 16.23 -12.87 -1.47
C GLY B 100 14.79 -12.41 -1.52
N ASN B 101 14.00 -12.64 -0.44
CA ASN B 101 12.58 -12.26 -0.38
C ASN B 101 12.30 -11.05 0.55
N SER B 102 13.35 -10.50 1.19
CA SER B 102 13.29 -9.38 2.13
C SER B 102 12.60 -8.13 1.61
N LEU B 103 12.86 -7.74 0.34
CA LEU B 103 12.26 -6.55 -0.29
C LEU B 103 10.78 -6.73 -0.63
N SER B 104 10.38 -7.96 -1.00
CA SER B 104 8.99 -8.27 -1.32
C SER B 104 8.13 -8.28 -0.07
N ALA B 105 8.66 -8.85 1.05
CA ALA B 105 8.00 -8.89 2.35
C ALA B 105 7.84 -7.46 2.89
N ALA B 106 8.87 -6.61 2.71
CA ALA B 106 8.89 -5.22 3.16
C ALA B 106 7.84 -4.37 2.44
N GLU B 107 7.66 -4.61 1.13
CA GLU B 107 6.70 -3.91 0.28
C GLU B 107 5.27 -4.28 0.65
N LEU B 108 4.98 -5.60 0.83
CA LEU B 108 3.64 -6.10 1.20
C LEU B 108 3.20 -5.54 2.55
N THR B 109 4.14 -5.44 3.52
CA THR B 109 3.89 -4.86 4.84
C THR B 109 3.42 -3.42 4.65
N CYS B 110 4.17 -2.62 3.88
CA CYS B 110 3.82 -1.23 3.56
C CYS B 110 2.44 -1.14 2.91
N GLY B 111 2.16 -2.08 2.00
CA GLY B 111 0.86 -2.23 1.34
C GLY B 111 -0.27 -2.46 2.31
N MET B 112 -0.05 -3.38 3.27
CA MET B 112 -0.98 -3.73 4.35
C MET B 112 -1.23 -2.54 5.29
N ILE B 113 -0.20 -1.68 5.50
CA ILE B 113 -0.29 -0.50 6.38
C ILE B 113 -1.23 0.54 5.75
N MET B 114 -1.13 0.73 4.42
CA MET B 114 -1.95 1.64 3.63
C MET B 114 -3.39 1.15 3.59
N CYS B 115 -3.57 -0.18 3.40
CA CYS B 115 -4.88 -0.85 3.33
C CYS B 115 -5.65 -0.78 4.63
N LEU B 116 -4.96 -0.79 5.77
CA LEU B 116 -5.61 -0.66 7.08
C LEU B 116 -6.06 0.77 7.28
N ALA B 117 -5.18 1.73 6.96
CA ALA B 117 -5.42 3.16 7.11
C ALA B 117 -6.55 3.71 6.23
N ARG B 118 -6.70 3.22 4.98
CA ARG B 118 -7.73 3.75 4.09
C ARG B 118 -8.83 2.75 3.75
N GLN B 119 -8.78 1.55 4.36
CA GLN B 119 -9.76 0.46 4.19
C GLN B 119 -10.00 0.13 2.71
N ILE B 120 -8.91 0.14 1.89
CA ILE B 120 -8.92 -0.13 0.44
C ILE B 120 -9.61 -1.49 0.10
N PRO B 121 -9.28 -2.66 0.72
CA PRO B 121 -10.00 -3.90 0.36
C PRO B 121 -11.49 -3.85 0.70
N GLN B 122 -11.86 -3.19 1.82
CA GLN B 122 -13.25 -3.01 2.27
C GLN B 122 -14.02 -2.09 1.31
N ALA B 123 -13.36 -1.02 0.83
CA ALA B 123 -13.93 -0.07 -0.13
C ALA B 123 -14.16 -0.74 -1.49
N THR B 124 -13.21 -1.63 -1.92
CA THR B 124 -13.29 -2.39 -3.17
C THR B 124 -14.44 -3.39 -3.10
N ALA B 125 -14.58 -4.12 -1.97
CA ALA B 125 -15.66 -5.09 -1.78
C ALA B 125 -17.03 -4.40 -1.79
N SER B 126 -17.13 -3.19 -1.18
CA SER B 126 -18.37 -2.42 -1.16
C SER B 126 -18.73 -1.95 -2.57
N MET B 127 -17.72 -1.53 -3.36
CA MET B 127 -17.90 -1.08 -4.74
C MET B 127 -18.28 -2.27 -5.63
N LYS B 128 -17.68 -3.45 -5.38
CA LYS B 128 -17.94 -4.71 -6.10
C LYS B 128 -19.34 -5.25 -5.78
N ASP B 129 -19.90 -4.83 -4.63
CA ASP B 129 -21.25 -5.21 -4.20
C ASP B 129 -22.32 -4.24 -4.77
N GLY B 130 -21.86 -3.18 -5.44
CA GLY B 130 -22.70 -2.17 -6.05
C GLY B 130 -23.15 -1.10 -5.09
N LYS B 131 -22.32 -0.80 -4.09
CA LYS B 131 -22.61 0.22 -3.07
C LYS B 131 -21.65 1.40 -3.22
N TRP B 132 -22.09 2.58 -2.74
CA TRP B 132 -21.30 3.81 -2.74
C TRP B 132 -21.37 4.42 -1.33
N GLU B 133 -20.35 4.14 -0.51
CA GLU B 133 -20.28 4.60 0.89
C GLU B 133 -19.06 5.50 1.11
N ARG B 134 -19.27 6.83 1.15
CA ARG B 134 -18.21 7.82 1.34
C ARG B 134 -17.89 8.06 2.83
N LYS B 135 -18.92 8.43 3.63
CA LYS B 135 -18.79 8.73 5.06
C LYS B 135 -18.86 7.48 5.97
N LYS B 136 -18.61 6.29 5.39
CA LYS B 136 -18.59 5.00 6.10
C LYS B 136 -17.15 4.48 6.18
N PHE B 137 -16.38 4.62 5.08
CA PHE B 137 -14.97 4.20 4.99
C PHE B 137 -14.05 5.37 5.31
N MET B 138 -14.12 5.86 6.57
CA MET B 138 -13.31 6.98 7.04
C MET B 138 -11.86 6.56 7.30
N GLY B 139 -10.97 7.09 6.49
CA GLY B 139 -9.54 6.79 6.58
C GLY B 139 -8.80 7.68 7.57
N THR B 140 -7.51 7.38 7.73
CA THR B 140 -6.59 8.11 8.60
C THR B 140 -5.32 8.44 7.83
N GLU B 141 -4.82 9.67 8.02
CA GLU B 141 -3.60 10.18 7.39
C GLU B 141 -2.39 9.69 8.16
N LEU B 142 -1.48 9.02 7.45
CA LEU B 142 -0.28 8.39 8.01
C LEU B 142 0.81 9.38 8.47
N ASN B 143 0.81 10.61 7.91
CA ASN B 143 1.78 11.65 8.24
C ASN B 143 1.73 12.02 9.73
N GLY B 144 2.87 11.90 10.41
CA GLY B 144 2.99 12.23 11.83
C GLY B 144 2.66 11.11 12.80
N LYS B 145 1.99 10.04 12.30
CA LYS B 145 1.61 8.89 13.11
C LYS B 145 2.83 8.06 13.45
N THR B 146 2.75 7.32 14.57
CA THR B 146 3.85 6.47 15.03
C THR B 146 3.63 5.02 14.63
N LEU B 147 4.67 4.44 13.99
CA LEU B 147 4.74 3.05 13.57
C LEU B 147 5.82 2.38 14.42
N GLY B 148 5.42 1.31 15.11
CA GLY B 148 6.31 0.50 15.92
C GLY B 148 6.72 -0.77 15.19
N ILE B 149 8.03 -0.92 14.94
CA ILE B 149 8.57 -2.09 14.23
C ILE B 149 9.36 -2.98 15.18
N LEU B 150 8.75 -4.12 15.54
CA LEU B 150 9.33 -5.12 16.45
C LEU B 150 10.07 -6.17 15.63
N GLY B 151 11.39 -6.07 15.65
CA GLY B 151 12.29 -6.90 14.87
C GLY B 151 12.92 -6.01 13.82
N LEU B 152 14.24 -5.75 13.96
CA LEU B 152 14.97 -4.84 13.09
C LEU B 152 16.09 -5.50 12.26
N GLY B 153 15.78 -6.61 11.61
CA GLY B 153 16.71 -7.30 10.73
C GLY B 153 16.70 -6.64 9.36
N ARG B 154 16.49 -7.44 8.31
CA ARG B 154 16.44 -6.92 6.94
C ARG B 154 15.07 -6.36 6.59
N ILE B 155 13.99 -7.10 6.90
CA ILE B 155 12.61 -6.67 6.60
C ILE B 155 12.19 -5.46 7.46
N GLY B 156 12.49 -5.51 8.75
CA GLY B 156 12.19 -4.45 9.70
C GLY B 156 12.79 -3.10 9.33
N ARG B 157 14.05 -3.10 8.86
CA ARG B 157 14.76 -1.88 8.45
C ARG B 157 14.27 -1.31 7.10
N GLU B 158 13.79 -2.18 6.19
CA GLU B 158 13.28 -1.80 4.87
C GLU B 158 11.85 -1.24 4.95
N VAL B 159 11.05 -1.71 5.93
CA VAL B 159 9.69 -1.22 6.19
C VAL B 159 9.79 0.22 6.73
N ALA B 160 10.73 0.45 7.68
CA ALA B 160 11.01 1.75 8.31
C ALA B 160 11.36 2.86 7.32
N THR B 161 12.31 2.60 6.39
CA THR B 161 12.78 3.58 5.41
C THR B 161 11.69 3.99 4.42
N ARG B 162 10.83 3.03 4.01
CA ARG B 162 9.70 3.31 3.11
C ARG B 162 8.62 4.11 3.84
N MET B 163 8.25 3.72 5.08
CA MET B 163 7.22 4.42 5.85
C MET B 163 7.67 5.79 6.36
N GLN B 164 9.00 6.02 6.44
CA GLN B 164 9.61 7.30 6.81
C GLN B 164 9.31 8.38 5.78
N SER B 165 9.17 7.99 4.50
CA SER B 165 8.85 8.90 3.39
C SER B 165 7.39 9.38 3.48
N PHE B 166 6.57 8.68 4.29
CA PHE B 166 5.16 9.01 4.55
C PHE B 166 5.04 9.89 5.79
N GLY B 167 6.18 10.28 6.35
CA GLY B 167 6.24 11.12 7.54
C GLY B 167 5.86 10.39 8.81
N MET B 168 5.95 9.05 8.81
CA MET B 168 5.64 8.23 9.98
C MET B 168 6.83 8.22 10.91
N LYS B 169 6.56 8.35 12.21
CA LYS B 169 7.57 8.27 13.25
C LYS B 169 7.87 6.78 13.42
N THR B 170 9.10 6.35 13.09
CA THR B 170 9.43 4.92 13.21
C THR B 170 10.20 4.60 14.49
N ILE B 171 9.53 3.95 15.43
CA ILE B 171 10.10 3.48 16.70
C ILE B 171 10.10 1.94 16.63
N GLY B 172 10.84 1.28 17.51
CA GLY B 172 10.88 -0.18 17.51
C GLY B 172 11.77 -0.85 18.52
N TYR B 173 11.81 -2.20 18.46
CA TYR B 173 12.60 -3.03 19.36
C TYR B 173 13.24 -4.24 18.70
N ASP B 174 14.48 -4.53 19.10
CA ASP B 174 15.28 -5.69 18.71
C ASP B 174 16.40 -5.85 19.74
N PRO B 175 16.44 -6.98 20.50
CA PRO B 175 17.50 -7.15 21.53
C PRO B 175 18.91 -7.37 20.97
N ILE B 176 19.03 -7.66 19.65
CA ILE B 176 20.31 -7.88 18.98
C ILE B 176 20.85 -6.56 18.41
N ILE B 177 19.99 -5.77 17.75
CA ILE B 177 20.36 -4.47 17.16
C ILE B 177 20.50 -3.40 18.27
N SER B 178 21.63 -2.68 18.28
CA SER B 178 21.91 -1.62 19.26
C SER B 178 21.08 -0.35 18.99
N PRO B 179 20.89 0.58 19.97
CA PRO B 179 20.09 1.79 19.67
C PRO B 179 20.78 2.75 18.70
N GLU B 180 22.12 2.69 18.61
CA GLU B 180 22.96 3.50 17.72
C GLU B 180 22.85 2.99 16.27
N VAL B 181 22.84 1.64 16.09
CA VAL B 181 22.71 0.99 14.77
C VAL B 181 21.29 1.18 14.22
N SER B 182 20.26 1.11 15.09
CA SER B 182 18.87 1.32 14.69
C SER B 182 18.65 2.78 14.27
N ALA B 183 19.30 3.74 14.97
CA ALA B 183 19.26 5.17 14.70
C ALA B 183 19.83 5.52 13.33
N SER B 184 20.78 4.70 12.81
CA SER B 184 21.40 4.87 11.50
C SER B 184 20.40 4.65 10.36
N PHE B 185 19.29 3.93 10.63
CA PHE B 185 18.23 3.71 9.65
C PHE B 185 16.85 4.26 10.13
N GLY B 186 16.91 5.32 10.92
CA GLY B 186 15.75 6.07 11.42
C GLY B 186 14.84 5.42 12.45
N VAL B 187 15.29 4.36 13.14
CA VAL B 187 14.48 3.69 14.15
C VAL B 187 14.95 4.03 15.55
N GLN B 188 14.08 4.71 16.32
CA GLN B 188 14.35 5.05 17.72
C GLN B 188 13.98 3.83 18.56
N GLN B 189 15.00 3.20 19.19
CA GLN B 189 14.78 2.04 20.04
C GLN B 189 14.48 2.45 21.48
N LEU B 190 13.42 1.87 22.04
CA LEU B 190 12.97 2.10 23.41
C LEU B 190 12.63 0.73 24.01
N PRO B 191 12.68 0.51 25.35
CA PRO B 191 12.28 -0.81 25.88
C PRO B 191 10.87 -1.20 25.45
N LEU B 192 10.68 -2.49 25.11
CA LEU B 192 9.44 -3.08 24.60
C LEU B 192 8.14 -2.58 25.26
N GLU B 193 8.15 -2.39 26.59
CA GLU B 193 6.98 -1.94 27.37
C GLU B 193 6.58 -0.48 27.10
N GLU B 194 7.53 0.36 26.65
CA GLU B 194 7.33 1.78 26.34
C GLU B 194 6.78 1.99 24.92
N ILE B 195 7.01 1.02 24.02
CA ILE B 195 6.60 1.06 22.63
C ILE B 195 5.08 0.99 22.48
N TRP B 196 4.41 0.06 23.21
CA TRP B 196 2.96 -0.16 23.15
C TRP B 196 2.10 1.12 23.29
N PRO B 197 2.22 2.00 24.32
CA PRO B 197 1.32 3.17 24.39
C PRO B 197 1.54 4.28 23.36
N LEU B 198 2.68 4.27 22.65
CA LEU B 198 3.02 5.33 21.68
C LEU B 198 2.62 5.01 20.25
N CYS B 199 2.27 3.75 19.97
CA CYS B 199 1.96 3.27 18.64
C CYS B 199 0.52 3.48 18.19
N ASP B 200 0.37 3.87 16.90
CA ASP B 200 -0.88 3.96 16.16
C ASP B 200 -0.94 2.68 15.33
N PHE B 201 0.24 2.26 14.84
CA PHE B 201 0.46 1.07 14.02
C PHE B 201 1.62 0.24 14.58
N ILE B 202 1.48 -1.10 14.59
CA ILE B 202 2.50 -2.05 15.03
C ILE B 202 2.70 -3.10 13.96
N THR B 203 3.97 -3.40 13.61
CA THR B 203 4.32 -4.41 12.60
C THR B 203 5.45 -5.32 13.14
N VAL B 204 5.25 -6.65 13.02
CA VAL B 204 6.20 -7.64 13.54
C VAL B 204 7.09 -8.22 12.43
N HIS B 205 8.41 -8.20 12.66
CA HIS B 205 9.43 -8.70 11.74
C HIS B 205 10.53 -9.44 12.49
N THR B 206 10.12 -10.48 13.22
CA THR B 206 10.98 -11.35 14.02
C THR B 206 10.92 -12.80 13.50
N PRO B 207 11.94 -13.67 13.75
CA PRO B 207 11.78 -15.07 13.34
C PRO B 207 10.87 -15.79 14.35
N LEU B 208 10.38 -16.99 14.01
CA LEU B 208 9.52 -17.73 14.92
C LEU B 208 10.34 -18.57 15.92
N LEU B 209 10.25 -18.20 17.20
CA LEU B 209 10.93 -18.84 18.33
C LEU B 209 10.02 -18.78 19.56
N PRO B 210 10.20 -19.65 20.60
CA PRO B 210 9.32 -19.58 21.79
C PRO B 210 9.22 -18.19 22.43
N SER B 211 10.32 -17.41 22.40
CA SER B 211 10.41 -16.05 22.92
C SER B 211 9.58 -15.05 22.12
N THR B 212 9.42 -15.31 20.80
CA THR B 212 8.65 -14.45 19.88
C THR B 212 7.20 -14.91 19.71
N THR B 213 6.88 -16.17 20.13
CA THR B 213 5.54 -16.74 20.05
C THR B 213 4.66 -16.11 21.15
N GLY B 214 3.57 -15.47 20.73
CA GLY B 214 2.64 -14.80 21.62
C GLY B 214 3.16 -13.45 22.11
N LEU B 215 3.98 -12.77 21.26
CA LEU B 215 4.57 -11.44 21.54
C LEU B 215 3.46 -10.39 21.67
N LEU B 216 2.40 -10.53 20.85
CA LEU B 216 1.23 -9.67 20.92
C LEU B 216 0.10 -10.45 21.59
N ASN B 217 0.07 -10.38 22.92
CA ASN B 217 -0.88 -11.09 23.77
C ASN B 217 -1.88 -10.11 24.43
N ASP B 218 -2.76 -10.63 25.31
CA ASP B 218 -3.77 -9.84 26.02
C ASP B 218 -3.15 -8.77 26.92
N ASN B 219 -2.03 -9.11 27.57
CA ASN B 219 -1.27 -8.20 28.44
C ASN B 219 -0.59 -7.12 27.59
N THR B 220 -0.14 -7.49 26.38
CA THR B 220 0.51 -6.62 25.40
C THR B 220 -0.51 -5.63 24.79
N PHE B 221 -1.69 -6.13 24.36
CA PHE B 221 -2.77 -5.32 23.78
C PHE B 221 -3.37 -4.33 24.81
N ALA B 222 -3.38 -4.71 26.10
CA ALA B 222 -3.89 -3.86 27.18
C ALA B 222 -3.04 -2.59 27.36
N GLN B 223 -1.71 -2.68 27.11
CA GLN B 223 -0.75 -1.56 27.20
C GLN B 223 -0.80 -0.65 25.96
N CYS B 224 -1.41 -1.14 24.87
CA CYS B 224 -1.55 -0.41 23.62
C CYS B 224 -2.58 0.72 23.68
N LYS B 225 -2.57 1.58 22.64
CA LYS B 225 -3.49 2.70 22.48
C LYS B 225 -4.82 2.12 21.99
N LYS B 226 -5.96 2.71 22.41
CA LYS B 226 -7.28 2.26 21.99
C LYS B 226 -7.49 2.65 20.52
N GLY B 227 -7.61 1.63 19.68
CA GLY B 227 -7.79 1.80 18.24
C GLY B 227 -6.54 1.53 17.43
N VAL B 228 -5.55 0.81 18.02
CA VAL B 228 -4.29 0.43 17.37
C VAL B 228 -4.54 -0.49 16.17
N ARG B 229 -3.70 -0.38 15.13
CA ARG B 229 -3.79 -1.25 13.97
C ARG B 229 -2.54 -2.13 13.93
N VAL B 230 -2.72 -3.45 13.69
CA VAL B 230 -1.65 -4.44 13.75
C VAL B 230 -1.39 -5.14 12.40
N VAL B 231 -0.10 -5.28 12.03
CA VAL B 231 0.34 -5.92 10.78
C VAL B 231 1.25 -7.13 11.09
N ASN B 232 0.89 -8.32 10.57
CA ASN B 232 1.70 -9.53 10.71
C ASN B 232 1.96 -10.20 9.35
N CYS B 233 3.12 -9.87 8.76
CA CYS B 233 3.60 -10.38 7.47
C CYS B 233 4.92 -11.16 7.66
N ALA B 234 5.14 -11.70 8.87
CA ALA B 234 6.34 -12.48 9.20
C ALA B 234 5.99 -13.96 9.35
N ARG B 235 5.68 -14.43 10.57
CA ARG B 235 5.31 -15.82 10.83
C ARG B 235 4.08 -15.86 11.72
N GLY B 236 3.13 -16.75 11.38
CA GLY B 236 1.92 -16.94 12.16
C GLY B 236 2.26 -17.44 13.55
N GLY B 237 1.71 -16.76 14.56
CA GLY B 237 1.97 -17.10 15.95
C GLY B 237 2.73 -16.05 16.74
N ILE B 238 3.30 -15.03 16.06
CA ILE B 238 4.01 -13.95 16.76
C ILE B 238 2.95 -13.10 17.47
N VAL B 239 1.85 -12.80 16.74
CA VAL B 239 0.67 -12.11 17.25
C VAL B 239 -0.28 -13.23 17.65
N ASP B 240 -0.57 -13.37 18.97
CA ASP B 240 -1.48 -14.40 19.48
C ASP B 240 -2.86 -14.21 18.87
N GLU B 241 -3.28 -15.19 18.04
CA GLU B 241 -4.54 -15.19 17.30
C GLU B 241 -5.77 -15.07 18.14
N GLY B 242 -5.76 -15.71 19.32
CA GLY B 242 -6.84 -15.64 20.29
C GLY B 242 -6.93 -14.27 20.94
N ALA B 243 -5.76 -13.69 21.29
CA ALA B 243 -5.66 -12.35 21.87
C ALA B 243 -6.06 -11.27 20.86
N LEU B 244 -5.67 -11.45 19.58
CA LEU B 244 -5.99 -10.51 18.50
C LEU B 244 -7.50 -10.36 18.28
N LEU B 245 -8.24 -11.49 18.29
CA LEU B 245 -9.70 -11.53 18.12
C LEU B 245 -10.41 -10.79 19.26
N ARG B 246 -9.91 -10.97 20.50
CA ARG B 246 -10.42 -10.33 21.71
C ARG B 246 -10.25 -8.81 21.60
N ALA B 247 -9.08 -8.37 21.09
CA ALA B 247 -8.72 -6.97 20.90
C ALA B 247 -9.57 -6.31 19.79
N LEU B 248 -9.86 -7.06 18.72
CA LEU B 248 -10.67 -6.59 17.59
C LEU B 248 -12.15 -6.51 17.97
N GLN B 249 -12.62 -7.43 18.85
CA GLN B 249 -14.01 -7.50 19.30
C GLN B 249 -14.34 -6.51 20.41
N SER B 250 -13.33 -6.02 21.14
CA SER B 250 -13.51 -5.05 22.23
C SER B 250 -13.27 -3.61 21.75
N GLY B 251 -12.69 -3.46 20.57
CA GLY B 251 -12.35 -2.17 19.98
C GLY B 251 -10.96 -1.69 20.37
N GLN B 252 -10.22 -2.51 21.15
CA GLN B 252 -8.84 -2.24 21.58
C GLN B 252 -7.90 -2.20 20.36
N CYS B 253 -8.17 -3.07 19.37
CA CYS B 253 -7.47 -3.14 18.08
C CYS B 253 -8.50 -2.75 17.02
N ALA B 254 -8.27 -1.63 16.33
CA ALA B 254 -9.19 -1.13 15.30
C ALA B 254 -9.15 -1.93 14.02
N GLY B 255 -8.05 -2.63 13.79
CA GLY B 255 -7.88 -3.42 12.57
C GLY B 255 -6.60 -4.22 12.49
N ALA B 256 -6.67 -5.37 11.78
CA ALA B 256 -5.54 -6.27 11.59
C ALA B 256 -5.26 -6.58 10.13
N ALA B 257 -3.98 -6.80 9.81
CA ALA B 257 -3.54 -7.17 8.47
C ALA B 257 -2.64 -8.37 8.64
N LEU B 258 -3.13 -9.53 8.23
CA LEU B 258 -2.41 -10.80 8.40
C LEU B 258 -2.18 -11.53 7.10
N ASP B 259 -0.91 -11.84 6.83
CA ASP B 259 -0.46 -12.58 5.64
C ASP B 259 -0.16 -14.01 6.04
N VAL B 260 0.13 -14.21 7.32
CA VAL B 260 0.51 -15.47 7.93
C VAL B 260 -0.45 -15.89 9.04
N PHE B 261 -0.49 -17.21 9.33
CA PHE B 261 -1.36 -17.82 10.36
C PHE B 261 -0.64 -19.05 10.93
N THR B 262 -1.03 -19.49 12.17
CA THR B 262 -0.45 -20.69 12.82
C THR B 262 -0.70 -21.93 11.97
N GLU B 263 -1.89 -22.01 11.36
CA GLU B 263 -2.30 -23.06 10.44
C GLU B 263 -2.52 -22.42 9.07
N GLU B 264 -1.91 -22.96 8.01
CA GLU B 264 -2.00 -22.43 6.65
C GLU B 264 -2.42 -23.48 5.62
N PRO B 265 -3.68 -23.46 5.08
CA PRO B 265 -4.78 -22.51 5.33
C PRO B 265 -5.40 -22.59 6.73
N PRO B 266 -5.84 -21.45 7.33
CA PRO B 266 -6.43 -21.52 8.67
C PRO B 266 -7.81 -22.19 8.72
N ARG B 267 -7.92 -23.19 9.62
CA ARG B 267 -9.15 -23.97 9.88
C ARG B 267 -10.19 -23.06 10.54
N ASP B 268 -9.74 -22.24 11.50
CA ASP B 268 -10.56 -21.27 12.20
C ASP B 268 -10.61 -20.01 11.34
N ARG B 269 -11.83 -19.62 10.92
CA ARG B 269 -12.04 -18.46 10.05
C ARG B 269 -12.56 -17.22 10.79
N ALA B 270 -12.66 -17.29 12.14
CA ALA B 270 -13.13 -16.20 13.02
C ALA B 270 -12.33 -14.90 12.86
N LEU B 271 -11.03 -15.01 12.60
CA LEU B 271 -10.13 -13.88 12.39
C LEU B 271 -10.29 -13.34 10.95
N VAL B 272 -10.17 -14.24 9.93
CA VAL B 272 -10.29 -13.98 8.50
C VAL B 272 -11.64 -13.28 8.15
N ASP B 273 -12.73 -13.72 8.77
CA ASP B 273 -14.08 -13.21 8.54
C ASP B 273 -14.42 -11.89 9.22
N HIS B 274 -13.62 -11.49 10.25
CA HIS B 274 -13.85 -10.22 10.96
C HIS B 274 -13.73 -9.04 10.00
N GLU B 275 -14.70 -8.11 10.11
CA GLU B 275 -14.86 -6.91 9.27
C GLU B 275 -13.64 -6.00 9.22
N ASN B 276 -12.89 -5.91 10.34
CA ASN B 276 -11.72 -5.05 10.45
C ASN B 276 -10.42 -5.80 10.17
N VAL B 277 -10.50 -7.01 9.62
CA VAL B 277 -9.33 -7.81 9.26
C VAL B 277 -9.21 -7.93 7.75
N ILE B 278 -8.01 -7.62 7.23
CA ILE B 278 -7.62 -7.80 5.82
C ILE B 278 -6.55 -8.90 5.80
N SER B 279 -6.58 -9.77 4.77
CA SER B 279 -5.68 -10.92 4.70
C SER B 279 -5.22 -11.30 3.30
N CYS B 280 -4.12 -12.07 3.24
CA CYS B 280 -3.50 -12.58 2.03
C CYS B 280 -3.07 -14.05 2.26
N PRO B 281 -3.04 -14.93 1.22
CA PRO B 281 -2.62 -16.32 1.45
C PRO B 281 -1.09 -16.49 1.40
N HIS B 282 -0.38 -15.90 2.39
CA HIS B 282 1.08 -15.91 2.53
C HIS B 282 1.78 -15.40 1.26
N LEU B 283 1.42 -14.18 0.83
CA LEU B 283 1.94 -13.54 -0.38
C LEU B 283 3.24 -12.77 -0.18
N GLY B 284 3.74 -12.72 1.06
CA GLY B 284 4.95 -12.01 1.47
C GLY B 284 6.14 -12.14 0.53
N ALA B 285 6.40 -13.37 0.08
CA ALA B 285 7.49 -13.70 -0.84
C ALA B 285 6.99 -13.90 -2.28
N SER B 286 5.65 -13.98 -2.49
CA SER B 286 5.01 -14.25 -3.78
C SER B 286 5.09 -13.10 -4.79
N THR B 287 6.22 -13.04 -5.49
CA THR B 287 6.58 -12.11 -6.55
C THR B 287 7.61 -12.79 -7.44
N LYS B 288 7.62 -12.50 -8.76
CA LYS B 288 8.58 -13.08 -9.70
C LYS B 288 10.02 -12.74 -9.30
N GLU B 289 10.29 -11.47 -8.94
CA GLU B 289 11.62 -10.95 -8.57
C GLU B 289 12.25 -11.64 -7.35
N ALA B 290 11.47 -11.83 -6.26
CA ALA B 290 11.96 -12.51 -5.05
C ALA B 290 12.11 -14.00 -5.28
N GLN B 291 11.18 -14.62 -6.03
CA GLN B 291 11.20 -16.06 -6.36
C GLN B 291 12.40 -16.43 -7.25
N SER B 292 12.79 -15.52 -8.17
CA SER B 292 13.96 -15.75 -9.02
C SER B 292 15.25 -15.55 -8.22
N ARG B 293 15.28 -14.53 -7.33
CA ARG B 293 16.44 -14.25 -6.45
C ARG B 293 16.68 -15.38 -5.45
N CYS B 294 15.60 -15.87 -4.80
CA CYS B 294 15.68 -16.97 -3.84
C CYS B 294 16.09 -18.26 -4.56
N GLY B 295 15.54 -18.47 -5.76
CA GLY B 295 15.80 -19.62 -6.62
C GLY B 295 17.23 -19.69 -7.14
N GLU B 296 17.86 -18.52 -7.35
CA GLU B 296 19.26 -18.40 -7.81
C GLU B 296 20.22 -18.60 -6.63
N GLU B 297 19.94 -17.91 -5.50
CA GLU B 297 20.74 -17.96 -4.26
C GLU B 297 20.79 -19.35 -3.63
N ILE B 298 19.73 -20.17 -3.80
CA ILE B 298 19.68 -21.53 -3.28
C ILE B 298 20.47 -22.48 -4.21
N ALA B 299 20.42 -22.23 -5.53
CA ALA B 299 21.10 -23.02 -6.56
C ALA B 299 22.62 -22.89 -6.49
N VAL B 300 23.13 -21.65 -6.28
CA VAL B 300 24.58 -21.38 -6.19
C VAL B 300 25.20 -22.06 -4.96
N GLN B 301 24.45 -22.15 -3.83
CA GLN B 301 24.88 -22.80 -2.58
C GLN B 301 25.10 -24.31 -2.79
N PHE B 302 24.23 -24.94 -3.61
CA PHE B 302 24.32 -26.36 -3.95
C PHE B 302 25.50 -26.63 -4.89
N VAL B 303 25.84 -25.65 -5.73
CA VAL B 303 26.96 -25.69 -6.69
C VAL B 303 28.29 -25.43 -5.93
N ASP B 304 28.25 -24.57 -4.89
CA ASP B 304 29.39 -24.19 -4.03
C ASP B 304 30.14 -25.37 -3.41
N MET B 305 29.46 -26.50 -3.19
CA MET B 305 30.02 -27.73 -2.60
C MET B 305 31.12 -28.39 -3.44
N VAL B 306 31.07 -28.20 -4.78
CA VAL B 306 32.04 -28.75 -5.72
C VAL B 306 32.45 -27.69 -6.76
#